data_5XWS
#
_entry.id   5XWS
#
_cell.length_a   154.888
_cell.length_b   154.888
_cell.length_c   91.262
_cell.angle_alpha   90.00
_cell.angle_beta   90.00
_cell.angle_gamma   120.00
#
_symmetry.space_group_name_H-M   'P 63 2 2'
#
loop_
_entity.id
_entity.type
_entity.pdbx_description
1 polymer 'Leucine-rich repeat and fibronectin type-III domain-containing protein 5'
2 branched 2-acetamido-2-deoxy-beta-D-glucopyranose-(1-4)-2-acetamido-2-deoxy-beta-D-glucopyranose
#
_entity_poly.entity_id   1
_entity_poly.type   'polypeptide(L)'
_entity_poly.pdbx_seq_one_letter_code
;QICPKRCVCQILSPNLATLCAKKGLLFVPPNIDRRTVELRLADNFVTNIKRKDFANMTSLVDLTLSRNTISFITPHAFAD
LRNLRALHLNSNRLTKITNDMFSGLSNLHHLILNNNQLTLISSTAFDDVFALEELDLSYNNLETIPWDAVEKMVSLHTLS
LDHNMIDNIPKGTFSHLHKMTRLDVTSNKLQKLPPDPLFQRAQVLATSGIISPSTFALSFGGNPLHCNCELLWLRRLSRE
DDLETCASPPLLTGRYFWSIPEEEFLCEPPLITRHTHEMRVLEGQRATLRCKARGDPEPAIHWISPEGKLISNATRSLVY
DNGTLDILITTVKDTGAFTCIASNPAGEATQIVDLHIIKLPHHHHHH
;
_entity_poly.pdbx_strand_id   A
#
loop_
_chem_comp.id
_chem_comp.type
_chem_comp.name
_chem_comp.formula
NAG D-saccharide, beta linking 2-acetamido-2-deoxy-beta-D-glucopyranose 'C8 H15 N O6'
#
# COMPACT_ATOMS: atom_id res chain seq x y z
N ILE A 2 0.19 24.90 26.25
CA ILE A 2 0.13 23.49 25.83
C ILE A 2 -0.09 23.39 24.33
N CYS A 3 -1.28 23.77 23.87
CA CYS A 3 -1.61 23.72 22.45
C CYS A 3 -1.01 24.92 21.73
N PRO A 4 -0.30 24.67 20.61
CA PRO A 4 0.33 25.72 19.80
C PRO A 4 -0.66 26.81 19.41
N LYS A 5 -0.13 28.01 19.13
CA LYS A 5 -0.95 29.18 18.83
C LYS A 5 -1.99 28.94 17.75
N ARG A 6 -1.57 28.25 16.68
CA ARG A 6 -2.45 28.01 15.55
C ARG A 6 -3.37 26.81 15.76
N CYS A 7 -2.85 25.80 16.45
CA CYS A 7 -3.56 24.54 16.61
C CYS A 7 -4.77 24.67 17.56
N VAL A 8 -5.79 23.85 17.31
CA VAL A 8 -6.98 23.82 18.16
C VAL A 8 -7.06 22.51 18.91
N CYS A 9 -6.22 22.36 19.92
CA CYS A 9 -6.18 21.12 20.70
C CYS A 9 -7.36 21.03 21.65
N GLN A 10 -8.12 19.93 21.52
CA GLN A 10 -9.30 19.72 22.36
C GLN A 10 -9.11 18.54 23.30
N ILE A 11 -9.87 18.54 24.40
CA ILE A 11 -9.74 17.49 25.41
C ILE A 11 -11.06 16.78 25.68
N LEU A 12 -11.05 15.46 25.48
CA LEU A 12 -12.15 14.61 25.88
C LEU A 12 -11.61 13.43 26.68
N SER A 13 -12.01 13.34 27.95
CA SER A 13 -11.46 12.36 28.88
C SER A 13 -11.48 10.93 28.34
N PRO A 14 -10.33 10.26 28.39
CA PRO A 14 -9.07 10.82 28.87
C PRO A 14 -8.14 11.26 27.74
N ASN A 15 -8.64 11.27 26.51
CA ASN A 15 -7.80 11.53 25.35
C ASN A 15 -7.58 13.01 25.04
N LEU A 16 -6.40 13.32 24.51
CA LEU A 16 -6.07 14.67 24.08
C LEU A 16 -5.76 14.70 22.58
N ALA A 17 -6.55 15.47 21.84
CA ALA A 17 -6.32 15.63 20.41
C ALA A 17 -5.72 16.99 20.12
N THR A 18 -4.78 17.04 19.19
CA THR A 18 -4.16 18.30 18.79
C THR A 18 -4.42 18.57 17.32
N LEU A 19 -5.36 19.47 17.04
CA LEU A 19 -5.80 19.73 15.67
C LEU A 19 -5.07 20.91 15.07
N CYS A 20 -4.19 20.63 14.11
CA CYS A 20 -3.41 21.68 13.45
C CYS A 20 -3.51 21.57 11.93
N ALA A 21 -4.68 21.22 11.44
CA ALA A 21 -4.90 21.05 10.01
C ALA A 21 -5.30 22.37 9.35
N LYS A 22 -4.81 22.59 8.13
CA LYS A 22 -5.06 23.81 7.36
C LYS A 22 -4.73 25.06 8.16
N LYS A 23 -3.48 25.15 8.61
CA LYS A 23 -3.04 26.31 9.38
C LYS A 23 -1.84 26.99 8.72
N GLY A 24 -1.46 26.50 7.54
CA GLY A 24 -0.37 27.09 6.79
C GLY A 24 1.00 26.85 7.40
N LEU A 25 1.10 25.81 8.21
CA LEU A 25 2.36 25.46 8.87
C LEU A 25 3.45 25.13 7.86
N LEU A 26 4.69 25.46 8.22
CA LEU A 26 5.84 25.15 7.37
C LEU A 26 6.70 24.10 8.04
N PHE A 27 6.48 23.91 9.34
CA PHE A 27 7.17 22.89 10.11
C PHE A 27 6.28 22.44 11.26
N VAL A 28 6.57 21.26 11.81
CA VAL A 28 5.82 20.76 12.95
C VAL A 28 6.04 21.62 14.18
N PRO A 29 4.95 22.21 14.72
CA PRO A 29 4.99 23.07 15.90
C PRO A 29 5.75 22.45 17.07
N PRO A 30 6.58 23.26 17.76
CA PRO A 30 7.50 22.80 18.80
C PRO A 30 6.82 22.25 20.06
N ASN A 31 5.82 22.96 20.57
CA ASN A 31 5.30 22.68 21.90
C ASN A 31 4.05 21.80 21.94
N ILE A 32 3.93 20.86 21.02
CA ILE A 32 2.83 19.90 21.07
C ILE A 32 2.95 19.02 22.31
N ASP A 33 1.87 18.90 23.06
CA ASP A 33 1.86 18.09 24.28
C ASP A 33 2.20 16.64 23.96
N ARG A 34 3.21 16.13 24.66
CA ARG A 34 3.74 14.79 24.38
C ARG A 34 2.76 13.67 24.75
N ARG A 35 1.77 13.99 25.57
CA ARG A 35 0.77 13.00 25.95
C ARG A 35 -0.48 13.12 25.09
N THR A 36 -0.32 13.67 23.89
CA THR A 36 -1.41 13.74 22.93
C THR A 36 -1.73 12.35 22.40
N VAL A 37 -2.97 12.15 21.98
CA VAL A 37 -3.41 10.85 21.48
C VAL A 37 -3.68 10.90 19.99
N GLU A 38 -4.30 12.00 19.54
CA GLU A 38 -4.56 12.22 18.14
C GLU A 38 -3.94 13.54 17.69
N LEU A 39 -3.22 13.51 16.57
CA LEU A 39 -2.52 14.69 16.08
C LEU A 39 -2.72 14.89 14.59
N ARG A 40 -3.51 15.90 14.22
CA ARG A 40 -3.78 16.20 12.82
C ARG A 40 -2.91 17.35 12.33
N LEU A 41 -2.00 17.05 11.41
CA LEU A 41 -1.15 18.06 10.80
C LEU A 41 -1.38 18.11 9.30
N ALA A 42 -2.53 17.61 8.88
CA ALA A 42 -2.85 17.52 7.45
C ALA A 42 -3.05 18.89 6.82
N ASP A 43 -2.92 18.93 5.49
CA ASP A 43 -3.15 20.14 4.70
C ASP A 43 -2.33 21.35 5.17
N ASN A 44 -1.03 21.13 5.36
CA ASN A 44 -0.10 22.21 5.66
C ASN A 44 1.02 22.24 4.63
N PHE A 45 2.19 22.73 5.03
CA PHE A 45 3.31 22.83 4.11
C PHE A 45 4.63 22.46 4.77
N VAL A 46 4.59 21.41 5.59
CA VAL A 46 5.80 20.88 6.22
C VAL A 46 6.68 20.21 5.17
N THR A 47 7.96 20.55 5.16
CA THR A 47 8.87 20.02 4.16
C THR A 47 9.73 18.88 4.69
N ASN A 48 10.05 18.91 5.98
CA ASN A 48 10.84 17.85 6.59
C ASN A 48 10.58 17.68 8.08
N ILE A 49 10.73 16.45 8.55
CA ILE A 49 10.48 16.10 9.94
C ILE A 49 11.79 15.90 10.71
N LYS A 50 11.83 16.38 11.94
CA LYS A 50 12.99 16.18 12.80
C LYS A 50 12.65 15.28 13.97
N ARG A 51 13.67 14.74 14.62
CA ARG A 51 13.45 13.82 15.73
C ARG A 51 12.70 14.52 16.87
N LYS A 52 13.00 15.80 17.09
CA LYS A 52 12.41 16.56 18.19
C LYS A 52 10.90 16.76 18.04
N ASP A 53 10.38 16.60 16.82
CA ASP A 53 8.96 16.79 16.56
C ASP A 53 8.09 15.77 17.30
N PHE A 54 8.22 14.51 16.91
CA PHE A 54 7.38 13.44 17.45
C PHE A 54 8.11 12.61 18.50
N ALA A 55 9.26 13.10 18.96
CA ALA A 55 9.95 12.43 20.07
C ALA A 55 9.11 12.46 21.35
N ASN A 56 9.24 11.42 22.16
CA ASN A 56 8.61 11.31 23.48
C ASN A 56 7.07 11.12 23.46
N MET A 57 6.44 11.21 22.29
CA MET A 57 5.00 11.02 22.23
C MET A 57 4.64 9.55 22.33
N THR A 58 4.52 9.07 23.55
CA THR A 58 4.25 7.65 23.78
C THR A 58 2.76 7.33 23.62
N SER A 59 1.91 8.28 23.99
CA SER A 59 0.48 8.05 24.03
C SER A 59 -0.20 8.26 22.67
N LEU A 60 0.57 8.72 21.68
CA LEU A 60 0.03 8.98 20.35
C LEU A 60 -0.44 7.69 19.69
N VAL A 61 -1.69 7.70 19.21
CA VAL A 61 -2.28 6.51 18.60
C VAL A 61 -2.64 6.76 17.14
N ASP A 62 -2.67 8.02 16.74
CA ASP A 62 -3.05 8.38 15.38
C ASP A 62 -2.34 9.66 14.94
N LEU A 63 -1.50 9.54 13.92
CA LEU A 63 -0.78 10.68 13.37
C LEU A 63 -1.17 10.93 11.92
N THR A 64 -1.47 12.19 11.60
CA THR A 64 -1.90 12.55 10.26
C THR A 64 -1.00 13.63 9.67
N LEU A 65 -0.23 13.26 8.65
CA LEU A 65 0.63 14.20 7.94
C LEU A 65 0.25 14.25 6.47
N SER A 66 -1.05 14.16 6.20
CA SER A 66 -1.55 14.09 4.83
C SER A 66 -1.42 15.42 4.10
N ARG A 67 -1.09 15.36 2.82
CA ARG A 67 -1.01 16.52 1.95
C ARG A 67 -0.06 17.60 2.46
N ASN A 68 1.21 17.24 2.58
CA ASN A 68 2.27 18.19 2.90
C ASN A 68 3.37 18.14 1.84
N THR A 69 4.39 18.98 2.01
CA THR A 69 5.52 19.00 1.08
C THR A 69 6.70 18.24 1.65
N ILE A 70 6.41 17.19 2.41
CA ILE A 70 7.45 16.41 3.09
C ILE A 70 8.32 15.64 2.11
N SER A 71 9.62 15.91 2.13
CA SER A 71 10.55 15.27 1.21
C SER A 71 11.60 14.43 1.94
N PHE A 72 11.82 14.72 3.21
CA PHE A 72 12.78 13.96 4.01
C PHE A 72 12.36 13.91 5.47
N ILE A 73 12.52 12.74 6.09
CA ILE A 73 12.27 12.61 7.52
C ILE A 73 13.48 11.96 8.20
N THR A 74 13.89 12.55 9.32
CA THR A 74 15.06 12.09 10.06
C THR A 74 14.90 10.65 10.52
N PRO A 75 15.96 9.83 10.37
CA PRO A 75 15.94 8.47 10.89
C PRO A 75 15.63 8.43 12.38
N HIS A 76 14.86 7.43 12.81
CA HIS A 76 14.43 7.28 14.20
C HIS A 76 13.66 8.50 14.70
N ALA A 77 12.74 9.00 13.88
CA ALA A 77 11.87 10.10 14.29
C ALA A 77 10.51 9.55 14.72
N PHE A 78 10.22 8.32 14.32
CA PHE A 78 8.99 7.65 14.70
C PHE A 78 9.27 6.56 15.72
N ALA A 79 10.46 6.59 16.30
CA ALA A 79 10.96 5.50 17.14
C ALA A 79 10.14 5.28 18.41
N ASP A 80 9.67 6.38 19.01
CA ASP A 80 9.05 6.31 20.33
C ASP A 80 7.52 6.27 20.26
N LEU A 81 6.98 6.04 19.07
CA LEU A 81 5.53 5.95 18.90
C LEU A 81 5.06 4.52 19.08
N ARG A 82 5.23 3.99 20.30
CA ARG A 82 4.96 2.60 20.60
C ARG A 82 3.48 2.23 20.49
N ASN A 83 2.61 3.22 20.66
CA ASN A 83 1.17 2.96 20.67
C ASN A 83 0.47 3.48 19.42
N LEU A 84 1.26 3.88 18.42
CA LEU A 84 0.72 4.37 17.17
C LEU A 84 0.09 3.25 16.35
N ARG A 85 -1.14 3.44 15.91
CA ARG A 85 -1.85 2.42 15.14
C ARG A 85 -2.07 2.84 13.68
N ALA A 86 -2.19 4.15 13.46
CA ALA A 86 -2.45 4.66 12.12
C ALA A 86 -1.52 5.81 11.76
N LEU A 87 -0.91 5.71 10.58
CA LEU A 87 0.00 6.75 10.10
C LEU A 87 -0.36 7.16 8.68
N HIS A 88 -0.61 8.46 8.49
CA HIS A 88 -0.98 8.98 7.18
C HIS A 88 0.11 9.89 6.62
N LEU A 89 0.86 9.36 5.64
CA LEU A 89 1.90 10.13 4.99
C LEU A 89 1.60 10.29 3.50
N ASN A 90 0.32 10.27 3.15
CA ASN A 90 -0.10 10.37 1.76
C ASN A 90 0.06 11.78 1.21
N SER A 91 0.24 11.86 -0.11
CA SER A 91 0.34 13.13 -0.84
C SER A 91 1.49 14.00 -0.32
N ASN A 92 2.71 13.50 -0.44
CA ASN A 92 3.89 14.28 -0.09
C ASN A 92 4.93 14.21 -1.19
N ARG A 93 6.19 14.38 -0.81
CA ARG A 93 7.28 14.32 -1.78
C ARG A 93 8.35 13.34 -1.32
N LEU A 94 7.92 12.26 -0.68
CA LEU A 94 8.84 11.23 -0.21
C LEU A 94 9.42 10.46 -1.39
N THR A 95 10.67 10.02 -1.24
CA THR A 95 11.37 9.33 -2.32
C THR A 95 11.75 7.91 -1.93
N LYS A 96 12.23 7.74 -0.70
CA LYS A 96 12.73 6.44 -0.26
C LYS A 96 12.14 6.02 1.08
N ILE A 97 12.20 4.73 1.37
CA ILE A 97 11.75 4.19 2.65
C ILE A 97 12.89 3.45 3.34
N THR A 98 13.56 4.13 4.25
CA THR A 98 14.67 3.53 4.99
C THR A 98 14.15 2.66 6.13
N ASN A 99 15.02 1.79 6.64
CA ASN A 99 14.66 0.92 7.75
C ASN A 99 14.44 1.71 9.04
N ASP A 100 15.26 2.73 9.24
CA ASP A 100 15.18 3.56 10.44
C ASP A 100 13.88 4.35 10.48
N MET A 101 13.26 4.52 9.32
CA MET A 101 12.05 5.31 9.19
C MET A 101 10.89 4.72 10.00
N PHE A 102 10.59 3.45 9.78
CA PHE A 102 9.49 2.79 10.47
C PHE A 102 9.99 1.72 11.42
N SER A 103 10.76 2.13 12.42
CA SER A 103 11.35 1.19 13.38
C SER A 103 10.59 1.22 14.70
N GLY A 104 10.21 0.04 15.19
CA GLY A 104 9.57 -0.08 16.48
C GLY A 104 8.07 0.15 16.45
N LEU A 105 7.52 0.32 15.26
CA LEU A 105 6.08 0.52 15.12
C LEU A 105 5.33 -0.80 15.12
N SER A 106 5.42 -1.53 16.23
CA SER A 106 4.80 -2.84 16.34
C SER A 106 3.28 -2.78 16.32
N ASN A 107 2.72 -1.80 17.03
CA ASN A 107 1.27 -1.67 17.13
C ASN A 107 0.64 -0.94 15.94
N LEU A 108 1.44 -0.65 14.92
CA LEU A 108 0.93 0.01 13.74
C LEU A 108 0.03 -0.92 12.93
N HIS A 109 -1.20 -0.50 12.70
CA HIS A 109 -2.17 -1.32 11.97
C HIS A 109 -2.47 -0.75 10.59
N HIS A 110 -2.27 0.55 10.44
CA HIS A 110 -2.57 1.22 9.17
C HIS A 110 -1.40 2.10 8.73
N LEU A 111 -0.86 1.81 7.56
CA LEU A 111 0.26 2.56 7.00
C LEU A 111 -0.07 3.05 5.60
N ILE A 112 -0.07 4.37 5.41
CA ILE A 112 -0.50 4.96 4.16
C ILE A 112 0.59 5.84 3.54
N LEU A 113 1.04 5.48 2.35
CA LEU A 113 2.09 6.21 1.66
C LEU A 113 1.70 6.60 0.23
N ASN A 114 0.40 6.67 -0.05
CA ASN A 114 -0.04 6.89 -1.41
C ASN A 114 0.26 8.30 -1.91
N ASN A 115 0.25 8.45 -3.23
CA ASN A 115 0.54 9.73 -3.89
C ASN A 115 1.88 10.31 -3.47
N ASN A 116 2.86 9.44 -3.26
CA ASN A 116 4.24 9.86 -3.05
C ASN A 116 5.08 9.44 -4.24
N GLN A 117 6.30 9.98 -4.32
CA GLN A 117 7.20 9.64 -5.41
C GLN A 117 8.21 8.59 -4.95
N LEU A 118 7.71 7.51 -4.36
CA LEU A 118 8.55 6.44 -3.86
C LEU A 118 9.18 5.63 -4.98
N THR A 119 10.50 5.49 -4.93
CA THR A 119 11.22 4.73 -5.95
C THR A 119 11.74 3.42 -5.37
N LEU A 120 12.24 3.47 -4.14
CA LEU A 120 12.83 2.31 -3.51
C LEU A 120 12.33 2.11 -2.08
N ILE A 121 12.15 0.86 -1.68
CA ILE A 121 11.86 0.51 -0.31
C ILE A 121 12.86 -0.52 0.18
N SER A 122 13.80 -0.09 1.01
CA SER A 122 14.81 -0.98 1.56
C SER A 122 14.15 -2.14 2.29
N SER A 123 14.74 -3.32 2.17
CA SER A 123 14.22 -4.48 2.88
C SER A 123 14.35 -4.28 4.39
N THR A 124 13.60 -5.07 5.16
CA THR A 124 13.55 -4.98 6.61
C THR A 124 12.93 -3.68 7.11
N ALA A 125 12.43 -2.85 6.19
CA ALA A 125 11.75 -1.62 6.57
C ALA A 125 10.37 -1.96 7.13
N PHE A 126 9.85 -3.11 6.72
CA PHE A 126 8.54 -3.56 7.19
C PHE A 126 8.67 -4.71 8.18
N ASP A 127 9.82 -4.79 8.85
CA ASP A 127 10.08 -5.87 9.78
C ASP A 127 9.57 -5.55 11.19
N ASP A 128 9.01 -4.36 11.36
CA ASP A 128 8.46 -3.96 12.64
C ASP A 128 6.97 -3.68 12.54
N VAL A 129 6.48 -3.54 11.32
CA VAL A 129 5.06 -3.30 11.09
C VAL A 129 4.38 -4.57 10.58
N PHE A 130 4.91 -5.72 10.98
CA PHE A 130 4.41 -7.01 10.53
C PHE A 130 2.96 -7.26 10.95
N ALA A 131 2.48 -6.52 11.93
CA ALA A 131 1.14 -6.74 12.48
C ALA A 131 0.14 -5.68 12.03
N LEU A 132 0.35 -5.12 10.84
CA LEU A 132 -0.58 -4.12 10.33
C LEU A 132 -1.74 -4.77 9.57
N GLU A 133 -2.76 -3.99 9.29
CA GLU A 133 -3.97 -4.50 8.66
C GLU A 133 -4.21 -3.85 7.29
N GLU A 134 -3.59 -2.68 7.08
CA GLU A 134 -3.76 -1.95 5.83
C GLU A 134 -2.46 -1.35 5.34
N LEU A 135 -2.19 -1.49 4.05
CA LEU A 135 -0.98 -0.93 3.45
C LEU A 135 -1.28 -0.27 2.11
N ASP A 136 -1.22 1.06 2.09
CA ASP A 136 -1.51 1.81 0.88
C ASP A 136 -0.23 2.38 0.27
N LEU A 137 0.24 1.74 -0.81
CA LEU A 137 1.43 2.21 -1.52
C LEU A 137 1.07 2.62 -2.94
N SER A 138 -0.15 3.10 -3.13
CA SER A 138 -0.64 3.44 -4.45
C SER A 138 -0.06 4.75 -4.97
N TYR A 139 -0.10 4.93 -6.29
CA TYR A 139 0.41 6.13 -6.94
C TYR A 139 1.84 6.45 -6.54
N ASN A 140 2.74 5.49 -6.78
CA ASN A 140 4.16 5.70 -6.56
C ASN A 140 4.96 5.20 -7.76
N ASN A 141 6.28 5.36 -7.71
CA ASN A 141 7.14 4.91 -8.79
C ASN A 141 7.79 3.58 -8.46
N LEU A 142 7.13 2.79 -7.62
CA LEU A 142 7.65 1.50 -7.18
C LEU A 142 7.59 0.44 -8.27
N GLU A 143 8.61 -0.41 -8.31
CA GLU A 143 8.60 -1.56 -9.21
C GLU A 143 8.73 -2.85 -8.42
N THR A 144 9.34 -2.75 -7.23
CA THR A 144 9.49 -3.89 -6.34
C THR A 144 9.27 -3.47 -4.89
N ILE A 145 8.69 -4.36 -4.09
CA ILE A 145 8.53 -4.13 -2.66
C ILE A 145 9.06 -5.34 -1.89
N PRO A 146 9.45 -5.13 -0.62
CA PRO A 146 9.90 -6.27 0.20
C PRO A 146 8.77 -7.25 0.48
N TRP A 147 8.53 -8.17 -0.45
CA TRP A 147 7.45 -9.15 -0.33
C TRP A 147 7.63 -10.06 0.88
N ASP A 148 8.89 -10.36 1.21
CA ASP A 148 9.19 -11.24 2.34
C ASP A 148 8.66 -10.67 3.65
N ALA A 149 8.73 -9.36 3.79
CA ALA A 149 8.21 -8.68 4.97
C ALA A 149 6.69 -8.62 4.91
N VAL A 150 6.15 -8.63 3.70
CA VAL A 150 4.71 -8.60 3.50
C VAL A 150 4.09 -9.96 3.81
N GLU A 151 4.82 -11.02 3.49
CA GLU A 151 4.36 -12.38 3.76
C GLU A 151 4.22 -12.65 5.26
N LYS A 152 4.92 -11.85 6.06
CA LYS A 152 4.84 -11.98 7.51
C LYS A 152 3.73 -11.11 8.10
N MET A 153 2.88 -10.59 7.22
CA MET A 153 1.74 -9.78 7.65
C MET A 153 0.45 -10.59 7.57
N VAL A 154 0.21 -11.43 8.57
CA VAL A 154 -0.93 -12.32 8.57
C VAL A 154 -2.26 -11.58 8.70
N SER A 155 -2.28 -10.53 9.51
CA SER A 155 -3.51 -9.79 9.77
C SER A 155 -3.80 -8.73 8.70
N LEU A 156 -3.07 -8.79 7.60
CA LEU A 156 -3.29 -7.86 6.49
C LEU A 156 -4.57 -8.20 5.74
N HIS A 157 -5.37 -7.18 5.43
CA HIS A 157 -6.62 -7.40 4.71
C HIS A 157 -6.76 -6.48 3.50
N THR A 158 -5.89 -5.49 3.38
CA THR A 158 -5.94 -4.57 2.25
C THR A 158 -4.56 -4.19 1.75
N LEU A 159 -4.31 -4.44 0.47
CA LEU A 159 -3.04 -4.06 -0.15
C LEU A 159 -3.27 -3.25 -1.41
N SER A 160 -3.05 -1.94 -1.31
CA SER A 160 -3.27 -1.03 -2.43
C SER A 160 -1.95 -0.76 -3.16
N LEU A 161 -1.89 -1.17 -4.42
CA LEU A 161 -0.66 -1.05 -5.21
C LEU A 161 -0.90 -0.51 -6.61
N ASP A 162 -2.09 0.05 -6.86
CA ASP A 162 -2.40 0.51 -8.21
C ASP A 162 -1.63 1.77 -8.56
N HIS A 163 -1.39 1.95 -9.86
CA HIS A 163 -0.67 3.11 -10.41
C HIS A 163 0.79 3.17 -9.94
N ASN A 164 1.51 2.07 -10.15
CA ASN A 164 2.95 2.05 -9.97
C ASN A 164 3.62 1.59 -11.25
N MET A 165 4.81 1.02 -11.11
CA MET A 165 5.51 0.44 -12.25
C MET A 165 6.06 -0.94 -11.89
N ILE A 166 5.27 -1.69 -11.13
CA ILE A 166 5.69 -2.99 -10.62
C ILE A 166 5.93 -4.00 -11.74
N ASP A 167 7.12 -4.58 -11.75
CA ASP A 167 7.51 -5.54 -12.78
C ASP A 167 6.73 -6.85 -12.64
N ASN A 168 6.97 -7.57 -11.55
CA ASN A 168 6.29 -8.83 -11.31
C ASN A 168 5.91 -9.01 -9.84
N ILE A 169 5.36 -10.17 -9.52
CA ILE A 169 4.94 -10.47 -8.15
C ILE A 169 5.14 -11.95 -7.85
N PRO A 170 5.82 -12.26 -6.73
CA PRO A 170 6.13 -13.63 -6.30
C PRO A 170 4.89 -14.53 -6.23
N LYS A 171 5.11 -15.83 -6.43
CA LYS A 171 4.01 -16.78 -6.48
C LYS A 171 3.64 -17.30 -5.09
N GLY A 172 4.60 -17.27 -4.17
CA GLY A 172 4.41 -17.82 -2.84
C GLY A 172 3.68 -16.88 -1.88
N THR A 173 3.40 -15.66 -2.33
CA THR A 173 2.72 -14.69 -1.50
C THR A 173 1.26 -15.03 -1.30
N PHE A 174 0.62 -14.37 -0.35
CA PHE A 174 -0.80 -14.55 -0.03
C PHE A 174 -1.11 -15.98 0.39
N SER A 175 -0.10 -16.70 0.86
CA SER A 175 -0.27 -18.09 1.25
C SER A 175 -0.95 -18.19 2.61
N HIS A 176 -0.39 -17.54 3.62
CA HIS A 176 -0.95 -17.56 4.96
C HIS A 176 -1.76 -16.30 5.25
N LEU A 177 -1.84 -15.41 4.26
CA LEU A 177 -2.63 -14.18 4.40
C LEU A 177 -4.10 -14.46 4.13
N HIS A 178 -4.74 -15.15 5.08
CA HIS A 178 -6.12 -15.57 4.92
C HIS A 178 -7.10 -14.41 5.08
N LYS A 179 -6.70 -13.38 5.82
CA LYS A 179 -7.57 -12.26 6.11
C LYS A 179 -7.64 -11.24 4.98
N MET A 180 -6.83 -11.45 3.95
CA MET A 180 -6.83 -10.58 2.78
C MET A 180 -8.19 -10.57 2.09
N THR A 181 -8.73 -9.37 1.85
CA THR A 181 -10.04 -9.25 1.23
C THR A 181 -10.04 -8.27 0.06
N ARG A 182 -8.93 -7.55 -0.14
CA ARG A 182 -8.84 -6.60 -1.25
C ARG A 182 -7.39 -6.36 -1.68
N LEU A 183 -7.16 -6.50 -2.98
CA LEU A 183 -5.84 -6.26 -3.56
C LEU A 183 -5.95 -5.52 -4.88
N ASP A 184 -5.35 -4.34 -4.95
CA ASP A 184 -5.41 -3.53 -6.17
C ASP A 184 -4.04 -3.41 -6.82
N VAL A 185 -3.90 -3.93 -8.02
CA VAL A 185 -2.64 -3.84 -8.76
C VAL A 185 -2.85 -3.24 -10.14
N THR A 186 -3.77 -2.29 -10.23
CA THR A 186 -4.09 -1.62 -11.48
C THR A 186 -2.95 -0.72 -11.94
N SER A 187 -2.88 -0.46 -13.24
CA SER A 187 -1.90 0.46 -13.81
C SER A 187 -0.46 0.16 -13.41
N ASN A 188 -0.12 -1.12 -13.38
CA ASN A 188 1.26 -1.54 -13.13
C ASN A 188 1.84 -2.19 -14.37
N LYS A 189 3.14 -2.49 -14.34
CA LYS A 189 3.81 -3.12 -15.47
C LYS A 189 3.93 -4.63 -15.27
N LEU A 190 2.84 -5.27 -14.89
CA LEU A 190 2.83 -6.71 -14.65
C LEU A 190 2.64 -7.50 -15.93
N GLN A 191 3.46 -8.54 -16.10
CA GLN A 191 3.35 -9.42 -17.25
C GLN A 191 2.38 -10.57 -16.97
N LYS A 192 2.40 -11.07 -15.74
CA LYS A 192 1.56 -12.20 -15.36
C LYS A 192 1.07 -12.09 -13.91
N LEU A 193 0.32 -13.09 -13.48
CA LEU A 193 -0.20 -13.15 -12.12
C LEU A 193 -0.13 -14.56 -11.55
N PRO A 194 0.24 -14.68 -10.27
CA PRO A 194 0.26 -15.96 -9.55
C PRO A 194 -1.14 -16.41 -9.14
N PRO A 195 -1.44 -17.70 -9.31
CA PRO A 195 -2.74 -18.24 -8.88
C PRO A 195 -2.86 -18.32 -7.37
N ASP A 196 -4.08 -18.13 -6.85
CA ASP A 196 -4.32 -18.16 -5.42
C ASP A 196 -5.81 -18.34 -5.12
N PRO A 197 -6.12 -19.15 -4.08
CA PRO A 197 -7.50 -19.39 -3.65
C PRO A 197 -8.28 -18.11 -3.34
N LEU A 198 -7.58 -17.05 -2.96
CA LEU A 198 -8.23 -15.76 -2.71
C LEU A 198 -8.81 -15.20 -4.01
N PHE A 199 -8.18 -15.54 -5.12
CA PHE A 199 -8.62 -15.06 -6.42
C PHE A 199 -9.80 -15.90 -6.91
N GLN A 200 -9.85 -17.16 -6.46
CA GLN A 200 -10.99 -18.02 -6.71
C GLN A 200 -12.22 -17.47 -5.98
N ARG A 201 -11.97 -16.63 -4.99
CA ARG A 201 -13.02 -16.04 -4.18
C ARG A 201 -13.42 -14.67 -4.71
N ALA A 202 -12.98 -14.38 -5.93
CA ALA A 202 -13.27 -13.09 -6.57
C ALA A 202 -14.30 -13.24 -7.69
N GLN A 203 -15.00 -14.37 -7.70
CA GLN A 203 -16.02 -14.63 -8.71
C GLN A 203 -17.42 -14.25 -8.22
N VAL A 204 -18.33 -14.11 -9.17
CA VAL A 204 -19.75 -14.11 -8.86
C VAL A 204 -20.35 -15.41 -9.40
N LEU A 205 -20.84 -16.25 -8.50
CA LEU A 205 -21.32 -17.56 -8.89
C LEU A 205 -22.74 -17.85 -8.41
N ALA A 206 -23.25 -19.01 -8.80
CA ALA A 206 -24.62 -19.40 -8.51
C ALA A 206 -24.75 -20.91 -8.41
N ILE A 210 -29.74 -20.53 -6.38
CA ILE A 210 -29.00 -19.64 -5.51
C ILE A 210 -28.13 -18.68 -6.31
N ILE A 211 -27.72 -17.58 -5.67
CA ILE A 211 -26.77 -16.64 -6.25
C ILE A 211 -25.75 -16.27 -5.17
N SER A 212 -24.55 -15.86 -5.58
CA SER A 212 -23.51 -15.51 -4.62
C SER A 212 -22.78 -14.22 -4.99
N PRO A 213 -22.50 -13.37 -3.98
CA PRO A 213 -21.73 -12.15 -4.17
C PRO A 213 -20.23 -12.38 -4.01
N SER A 214 -19.42 -11.57 -4.68
CA SER A 214 -17.97 -11.67 -4.57
C SER A 214 -17.50 -11.18 -3.20
N THR A 215 -16.82 -12.04 -2.47
CA THR A 215 -16.35 -11.70 -1.13
C THR A 215 -14.93 -11.16 -1.17
N PHE A 216 -14.23 -11.39 -2.28
CA PHE A 216 -12.90 -10.84 -2.48
C PHE A 216 -12.92 -9.92 -3.71
N ALA A 217 -12.16 -8.83 -3.65
CA ALA A 217 -12.15 -7.85 -4.73
C ALA A 217 -10.73 -7.52 -5.17
N LEU A 218 -10.35 -7.96 -6.37
CA LEU A 218 -9.05 -7.64 -6.93
C LEU A 218 -9.20 -6.87 -8.24
N SER A 219 -8.19 -6.05 -8.54
CA SER A 219 -8.22 -5.25 -9.77
C SER A 219 -6.86 -5.30 -10.45
N PHE A 220 -6.83 -5.74 -11.70
CA PHE A 220 -5.58 -5.92 -12.43
C PHE A 220 -5.61 -5.25 -13.80
N GLY A 221 -6.45 -4.24 -13.96
CA GLY A 221 -6.55 -3.52 -15.20
C GLY A 221 -5.30 -2.68 -15.48
N GLY A 222 -5.18 -2.20 -16.71
CA GLY A 222 -4.07 -1.34 -17.08
C GLY A 222 -2.71 -1.96 -16.94
N ASN A 223 -2.61 -3.25 -17.24
CA ASN A 223 -1.34 -3.96 -17.17
C ASN A 223 -0.95 -4.60 -18.50
N PRO A 224 0.35 -4.56 -18.84
CA PRO A 224 0.86 -5.21 -20.03
C PRO A 224 0.87 -6.73 -19.88
N LEU A 225 -0.31 -7.34 -19.90
CA LEU A 225 -0.46 -8.76 -19.67
C LEU A 225 0.16 -9.59 -20.79
N HIS A 226 0.77 -10.71 -20.42
CA HIS A 226 1.27 -11.66 -21.40
C HIS A 226 0.27 -12.82 -21.51
N CYS A 227 -0.69 -12.67 -22.40
CA CYS A 227 -1.80 -13.62 -22.51
C CYS A 227 -1.37 -15.00 -23.01
N ASN A 228 -0.78 -15.78 -22.12
CA ASN A 228 -0.46 -17.18 -22.43
C ASN A 228 -1.26 -18.11 -21.52
N CYS A 229 -0.88 -19.39 -21.51
CA CYS A 229 -1.59 -20.38 -20.71
C CYS A 229 -1.28 -20.24 -19.21
N GLU A 230 -0.33 -19.37 -18.90
CA GLU A 230 0.05 -19.11 -17.51
C GLU A 230 -0.94 -18.14 -16.88
N LEU A 231 -1.79 -17.55 -17.70
CA LEU A 231 -2.87 -16.70 -17.23
C LEU A 231 -4.22 -17.34 -17.52
N LEU A 232 -4.18 -18.55 -18.04
CA LEU A 232 -5.39 -19.28 -18.42
C LEU A 232 -6.26 -19.58 -17.21
N TRP A 233 -5.63 -19.76 -16.06
CA TRP A 233 -6.34 -20.02 -14.81
C TRP A 233 -7.23 -18.84 -14.43
N LEU A 234 -6.77 -17.63 -14.78
CA LEU A 234 -7.50 -16.41 -14.46
C LEU A 234 -8.62 -16.14 -15.47
N ARG A 235 -8.40 -16.57 -16.71
CA ARG A 235 -9.39 -16.41 -17.76
C ARG A 235 -10.58 -17.35 -17.53
N ARG A 236 -10.29 -18.51 -16.95
CA ARG A 236 -11.33 -19.49 -16.64
C ARG A 236 -12.26 -18.98 -15.53
N LEU A 237 -11.81 -17.95 -14.81
CA LEU A 237 -12.63 -17.33 -13.78
C LEU A 237 -13.82 -16.59 -14.39
N SER A 238 -14.89 -16.48 -13.63
CA SER A 238 -16.08 -15.75 -14.07
C SER A 238 -16.18 -14.40 -13.36
N ARG A 239 -15.66 -13.37 -14.01
CA ARG A 239 -15.65 -12.03 -13.42
C ARG A 239 -16.17 -10.98 -14.40
N GLU A 240 -16.48 -9.80 -13.87
CA GLU A 240 -16.95 -8.69 -14.70
C GLU A 240 -15.80 -8.09 -15.50
N ASP A 241 -16.09 -7.69 -16.73
CA ASP A 241 -15.09 -7.10 -17.62
C ASP A 241 -14.64 -5.75 -17.09
N ASP A 242 -13.39 -5.67 -16.69
CA ASP A 242 -12.83 -4.43 -16.16
C ASP A 242 -11.87 -3.79 -17.16
N LEU A 243 -12.19 -3.94 -18.45
CA LEU A 243 -11.43 -3.34 -19.55
C LEU A 243 -9.96 -3.76 -19.58
N GLU A 244 -9.68 -4.97 -19.10
CA GLU A 244 -8.30 -5.48 -19.13
C GLU A 244 -7.85 -5.74 -20.56
N THR A 245 -6.56 -5.59 -20.82
CA THR A 245 -6.02 -5.64 -22.17
C THR A 245 -4.71 -6.42 -22.26
N CYS A 246 -4.62 -7.29 -23.26
CA CYS A 246 -3.40 -8.06 -23.51
C CYS A 246 -2.37 -7.23 -24.27
N ALA A 247 -1.10 -7.53 -24.05
CA ALA A 247 -0.02 -6.80 -24.72
C ALA A 247 0.82 -7.73 -25.59
N SER A 248 0.80 -9.01 -25.25
CA SER A 248 1.54 -10.02 -25.99
C SER A 248 0.93 -11.40 -25.73
N PRO A 249 1.07 -12.35 -26.68
CA PRO A 249 1.72 -12.32 -28.00
C PRO A 249 1.14 -11.31 -28.97
N PRO A 250 1.89 -10.93 -30.01
CA PRO A 250 1.47 -9.92 -31.00
C PRO A 250 0.12 -10.21 -31.64
N LEU A 251 -0.27 -11.48 -31.72
CA LEU A 251 -1.56 -11.84 -32.28
C LEU A 251 -2.70 -11.46 -31.32
N LEU A 252 -2.39 -11.40 -30.03
CA LEU A 252 -3.37 -11.06 -29.02
C LEU A 252 -3.22 -9.62 -28.55
N THR A 253 -2.25 -8.92 -29.13
CA THR A 253 -1.99 -7.53 -28.77
C THR A 253 -3.16 -6.62 -29.16
N GLY A 254 -3.75 -5.97 -28.17
CA GLY A 254 -4.81 -5.01 -28.42
C GLY A 254 -6.20 -5.53 -28.05
N ARG A 255 -6.39 -6.83 -28.13
CA ARG A 255 -7.69 -7.43 -27.84
C ARG A 255 -7.89 -7.54 -26.33
N TYR A 256 -9.15 -7.40 -25.89
CA TYR A 256 -9.47 -7.45 -24.48
C TYR A 256 -9.19 -8.82 -23.88
N PHE A 257 -8.82 -8.83 -22.60
CA PHE A 257 -8.49 -10.07 -21.89
C PHE A 257 -9.69 -11.01 -21.81
N TRP A 258 -10.89 -10.44 -21.71
CA TRP A 258 -12.10 -11.23 -21.58
C TRP A 258 -12.80 -11.47 -22.92
N SER A 259 -12.33 -10.79 -23.96
CA SER A 259 -12.90 -10.94 -25.29
C SER A 259 -12.24 -12.10 -26.04
N ILE A 260 -11.22 -12.68 -25.42
CA ILE A 260 -10.48 -13.77 -26.03
C ILE A 260 -10.87 -15.12 -25.42
N PRO A 261 -11.26 -16.08 -26.28
CA PRO A 261 -11.65 -17.42 -25.83
C PRO A 261 -10.49 -18.16 -25.15
N GLU A 262 -10.83 -19.15 -24.33
CA GLU A 262 -9.84 -19.88 -23.55
C GLU A 262 -8.92 -20.72 -24.43
N GLU A 263 -9.38 -21.04 -25.63
CA GLU A 263 -8.61 -21.90 -26.54
C GLU A 263 -7.50 -21.15 -27.26
N GLU A 264 -7.38 -19.85 -26.99
CA GLU A 264 -6.37 -19.03 -27.65
C GLU A 264 -5.27 -18.61 -26.68
N PHE A 265 -5.39 -19.04 -25.43
CA PHE A 265 -4.34 -18.82 -24.43
C PHE A 265 -3.36 -20.00 -24.46
N LEU A 266 -2.29 -19.85 -25.22
CA LEU A 266 -1.40 -20.96 -25.50
C LEU A 266 0.04 -20.72 -25.00
N CYS A 267 0.75 -21.82 -24.76
CA CYS A 267 2.16 -21.76 -24.39
C CYS A 267 3.01 -22.50 -25.41
N GLU A 268 4.32 -22.50 -25.21
CA GLU A 268 5.24 -23.09 -26.17
C GLU A 268 6.16 -24.14 -25.53
N PRO A 269 6.20 -25.34 -26.11
CA PRO A 269 7.04 -26.45 -25.64
C PRO A 269 8.53 -26.14 -25.71
N PRO A 270 9.33 -26.72 -24.80
CA PRO A 270 10.78 -26.50 -24.73
C PRO A 270 11.56 -27.28 -25.78
N LEU A 271 12.61 -26.68 -26.32
CA LEU A 271 13.51 -27.34 -27.26
C LEU A 271 14.95 -26.95 -26.98
N ILE A 272 15.88 -27.80 -27.40
CA ILE A 272 17.30 -27.55 -27.16
C ILE A 272 17.99 -27.04 -28.42
N THR A 273 18.68 -25.91 -28.29
CA THR A 273 19.34 -25.29 -29.43
C THR A 273 20.67 -25.97 -29.76
N ARG A 274 21.55 -26.05 -28.77
CA ARG A 274 22.87 -26.63 -28.96
C ARG A 274 23.18 -27.70 -27.92
C1 NAG B . 12.26 13.65 25.80
C2 NAG B . 12.66 15.13 25.63
C3 NAG B . 13.66 15.57 26.69
C4 NAG B . 13.11 15.26 28.07
C5 NAG B . 12.96 13.76 28.18
C6 NAG B . 12.44 13.31 29.52
C7 NAG B . 12.48 15.96 23.33
C8 NAG B . 13.20 16.13 22.02
N2 NAG B . 13.18 15.38 24.30
O3 NAG B . 13.85 16.97 26.56
O4 NAG B . 13.81 15.87 29.16
O5 NAG B . 11.99 13.35 27.20
O6 NAG B . 11.91 12.00 29.46
O7 NAG B . 11.33 16.34 23.50
C1 NAG B . 15.24 15.88 29.36
C2 NAG B . 15.72 14.82 30.35
C3 NAG B . 17.14 15.13 30.82
C4 NAG B . 18.06 15.33 29.62
C5 NAG B . 17.46 16.34 28.64
C6 NAG B . 18.27 16.50 27.37
C7 NAG B . 14.56 13.58 32.13
C8 NAG B . 13.60 13.67 33.28
N2 NAG B . 14.81 14.73 31.49
O3 NAG B . 17.62 14.07 31.63
O4 NAG B . 19.33 15.80 30.06
O5 NAG B . 16.15 15.93 28.24
O6 NAG B . 18.92 17.76 27.32
O7 NAG B . 15.06 12.51 31.79
#